data_6KI8
#
_entry.id   6KI8
#
_cell.length_a   116.755
_cell.length_b   116.755
_cell.length_c   109.704
_cell.angle_alpha   90.000
_cell.angle_beta   90.000
_cell.angle_gamma   90.000
#
_symmetry.space_group_name_H-M   'P 41 21 2'
#
loop_
_entity.id
_entity.type
_entity.pdbx_description
1 polymer 'Inorganic pyrophosphatase'
2 non-polymer DIPHOSPHATE
3 non-polymer 'MAGNESIUM ION'
4 water water
#
_entity_poly.entity_id   1
_entity_poly.type   'polypeptide(L)'
_entity_poly.pdbx_seq_one_letter_code
;GSHMSYNNIPAGKDAPNDIYVIIEIPANAAPIKYEIDKDSDALFVDRFMGTAMFYPANYGYVPNTLSEDGDPLDVLVVTP
YPVAAGSVIRCRPVGKLNMEDDGGIDAKLIAVPHEKLSPLYKDVKEYTDLPQLLINQVEHFFSHYKDLEPGRWVKISGWE
GADVAKAEVIKAIEAAK
;
_entity_poly.pdbx_strand_id   A,B,C
#
loop_
_chem_comp.id
_chem_comp.type
_chem_comp.name
_chem_comp.formula
DPO non-polymer DIPHOSPHATE 'O7 P2 -4'
MG non-polymer 'MAGNESIUM ION' 'Mg 2'
#
# COMPACT_ATOMS: atom_id res chain seq x y z
N SER A 5 -4.79 -8.95 11.59
CA SER A 5 -4.12 -7.71 11.93
C SER A 5 -2.63 -7.93 12.18
N TYR A 6 -1.89 -6.82 12.19
CA TYR A 6 -0.45 -6.88 12.41
C TYR A 6 -0.10 -7.56 13.73
N ASN A 7 -0.98 -7.47 14.73
CA ASN A 7 -0.65 -8.04 16.04
C ASN A 7 -0.62 -9.55 16.03
N ASN A 8 -1.10 -10.19 14.96
CA ASN A 8 -0.97 -11.64 14.80
C ASN A 8 0.41 -12.06 14.34
N ILE A 9 1.27 -11.12 13.96
CA ILE A 9 2.64 -11.46 13.56
C ILE A 9 3.52 -11.57 14.80
N PRO A 10 4.22 -12.69 15.00
CA PRO A 10 5.10 -12.79 16.16
C PRO A 10 6.30 -11.87 15.99
N ALA A 11 6.98 -11.61 17.11
CA ALA A 11 8.22 -10.83 17.02
C ALA A 11 9.22 -11.48 16.08
N GLY A 12 9.24 -12.80 16.00
CA GLY A 12 10.09 -13.46 15.03
C GLY A 12 9.81 -14.94 14.99
N LYS A 13 10.38 -15.59 13.97
CA LYS A 13 10.32 -17.05 13.91
C LYS A 13 11.24 -17.68 14.96
N ASP A 14 12.40 -17.06 15.18
CA ASP A 14 13.40 -17.52 16.14
C ASP A 14 14.18 -16.29 16.62
N ALA A 15 13.50 -15.47 17.42
CA ALA A 15 14.13 -14.28 17.97
C ALA A 15 15.23 -14.68 18.96
N PRO A 16 16.30 -13.88 19.07
CA PRO A 16 16.49 -12.58 18.41
C PRO A 16 17.27 -12.67 17.11
N ASN A 17 17.66 -13.88 16.69
CA ASN A 17 18.45 -14.00 15.47
C ASN A 17 17.60 -13.88 14.21
N ASP A 18 16.30 -14.08 14.32
CA ASP A 18 15.38 -14.20 13.18
C ASP A 18 14.09 -13.49 13.57
N ILE A 19 13.93 -12.23 13.16
CA ILE A 19 12.81 -11.40 13.59
C ILE A 19 12.04 -10.88 12.37
N TYR A 20 10.85 -10.32 12.66
CA TYR A 20 10.03 -9.68 11.65
C TYR A 20 10.00 -8.17 11.90
N VAL A 21 10.07 -7.39 10.83
CA VAL A 21 9.96 -5.94 10.94
C VAL A 21 8.86 -5.47 9.99
N ILE A 22 7.90 -4.73 10.53
CA ILE A 22 6.84 -4.11 9.73
C ILE A 22 7.34 -2.73 9.29
N ILE A 23 7.37 -2.48 7.99
CA ILE A 23 7.97 -1.27 7.46
C ILE A 23 6.94 -0.15 7.45
N GLU A 24 7.33 1.02 7.95
CA GLU A 24 6.50 2.21 7.89
C GLU A 24 6.92 3.15 6.75
N ILE A 25 8.24 3.30 6.55
CA ILE A 25 8.78 4.21 5.57
C ILE A 25 9.83 3.48 4.74
N PRO A 26 9.65 3.35 3.42
CA PRO A 26 10.69 2.71 2.60
C PRO A 26 11.94 3.56 2.53
N ALA A 27 13.07 2.89 2.31
CA ALA A 27 14.29 3.60 1.96
C ALA A 27 14.06 4.47 0.72
N ASN A 28 14.68 5.65 0.71
CA ASN A 28 14.76 6.51 -0.48
C ASN A 28 13.38 6.98 -0.93
N ALA A 29 12.47 7.16 0.00
CA ALA A 29 11.09 7.50 -0.33
C ALA A 29 10.90 9.02 -0.24
N ALA A 30 9.73 9.47 -0.67
CA ALA A 30 9.38 10.89 -0.56
C ALA A 30 9.37 11.30 0.90
N PRO A 31 9.51 12.61 1.19
CA PRO A 31 9.65 13.05 2.60
C PRO A 31 8.33 13.09 3.35
N ILE A 32 7.63 11.97 3.37
CA ILE A 32 6.40 11.79 4.14
C ILE A 32 6.70 10.81 5.27
N LYS A 33 6.48 11.25 6.50
CA LYS A 33 6.77 10.43 7.68
C LYS A 33 5.49 9.69 8.03
N TYR A 34 5.37 8.45 7.54
CA TYR A 34 4.21 7.63 7.86
C TYR A 34 4.46 6.88 9.17
N GLU A 35 3.38 6.60 9.89
CA GLU A 35 3.42 5.79 11.10
C GLU A 35 2.19 4.91 11.12
N ILE A 36 2.35 3.66 11.53
CA ILE A 36 1.21 2.76 11.63
C ILE A 36 0.49 2.98 12.95
N ASP A 37 -0.84 3.14 12.87
CA ASP A 37 -1.67 3.35 14.05
C ASP A 37 -2.02 2.02 14.70
N LYS A 38 -1.73 1.90 16.01
CA LYS A 38 -1.90 0.63 16.72
C LYS A 38 -3.33 0.11 16.66
N ASP A 39 -4.32 1.00 16.73
CA ASP A 39 -5.71 0.57 16.91
C ASP A 39 -6.48 0.42 15.60
N SER A 40 -5.86 0.73 14.46
CA SER A 40 -6.50 0.49 13.18
C SER A 40 -5.65 -0.28 12.20
N ASP A 41 -4.35 -0.47 12.48
CA ASP A 41 -3.37 -1.01 11.55
C ASP A 41 -3.17 -0.13 10.34
N ALA A 42 -3.76 1.06 10.31
CA ALA A 42 -3.70 1.94 9.15
C ALA A 42 -2.44 2.80 9.19
N LEU A 43 -1.94 3.12 8.00
CA LEU A 43 -0.79 4.00 7.82
C LEU A 43 -1.26 5.45 7.90
N PHE A 44 -0.82 6.19 8.91
CA PHE A 44 -1.14 7.59 9.07
C PHE A 44 0.02 8.47 8.59
N VAL A 45 -0.30 9.61 8.02
CA VAL A 45 0.70 10.63 7.75
C VAL A 45 0.99 11.34 9.08
N ASP A 46 2.13 11.06 9.71
CA ASP A 46 2.48 11.80 10.91
C ASP A 46 2.84 13.24 10.57
N ARG A 47 3.63 13.44 9.52
CA ARG A 47 3.97 14.78 9.07
C ARG A 47 4.65 14.69 7.71
N PHE A 48 4.74 15.85 7.06
CA PHE A 48 5.63 16.03 5.93
C PHE A 48 6.94 16.57 6.48
N MET A 49 8.03 15.89 6.20
CA MET A 49 9.30 16.27 6.81
C MET A 49 9.79 17.61 6.26
N GLY A 50 10.43 18.39 7.14
CA GLY A 50 10.81 19.74 6.77
C GLY A 50 12.10 19.87 5.97
N THR A 51 13.01 18.91 6.06
CA THR A 51 14.28 18.99 5.34
C THR A 51 14.21 18.18 4.05
N ALA A 52 15.16 18.51 3.15
CA ALA A 52 15.26 17.82 1.85
C ALA A 52 16.13 16.57 2.01
N MET A 53 15.60 15.60 2.74
CA MET A 53 16.32 14.37 3.08
C MET A 53 15.38 13.19 2.91
N PHE A 54 15.98 11.99 2.85
CA PHE A 54 15.20 10.75 2.79
C PHE A 54 15.83 9.74 3.74
N TYR A 55 14.99 8.85 4.26
CA TYR A 55 15.50 7.75 5.10
C TYR A 55 16.47 6.89 4.30
N PRO A 56 17.69 6.65 4.79
CA PRO A 56 18.66 5.88 4.00
C PRO A 56 18.45 4.37 4.02
N ALA A 57 17.60 3.87 4.92
CA ALA A 57 17.23 2.46 4.99
C ALA A 57 15.74 2.39 5.23
N ASN A 58 15.13 1.22 4.99
CA ASN A 58 13.72 1.07 5.34
C ASN A 58 13.56 1.17 6.85
N TYR A 59 12.45 1.76 7.29
CA TYR A 59 12.27 2.08 8.70
C TYR A 59 10.95 1.49 9.17
N GLY A 60 11.00 0.73 10.27
CA GLY A 60 9.79 0.17 10.84
C GLY A 60 9.97 -0.32 12.26
N TYR A 61 9.18 -1.34 12.65
CA TYR A 61 9.21 -1.80 14.03
C TYR A 61 8.94 -3.29 14.09
N VAL A 62 9.31 -3.88 15.23
CA VAL A 62 9.09 -5.31 15.48
C VAL A 62 7.73 -5.47 16.15
N PRO A 63 6.81 -6.25 15.59
CA PRO A 63 5.53 -6.45 16.24
C PRO A 63 5.70 -7.24 17.53
N ASN A 64 4.78 -7.01 18.46
CA ASN A 64 4.76 -7.75 19.72
C ASN A 64 6.05 -7.57 20.50
N THR A 65 6.62 -6.37 20.43
CA THR A 65 7.68 -5.94 21.31
C THR A 65 7.23 -4.67 22.03
N LEU A 66 7.88 -4.41 23.15
CA LEU A 66 7.56 -3.23 23.94
C LEU A 66 8.86 -2.70 24.53
N SER A 67 9.24 -1.49 24.15
CA SER A 67 10.37 -0.85 24.80
C SER A 67 9.87 -0.11 26.04
N GLU A 68 10.82 0.42 26.81
CA GLU A 68 10.45 1.05 28.08
C GLU A 68 9.63 2.33 27.90
N ASP A 69 9.51 2.85 26.67
CA ASP A 69 8.70 4.01 26.37
C ASP A 69 7.29 3.66 25.88
N GLY A 70 6.93 2.37 25.85
CA GLY A 70 5.59 1.96 25.51
C GLY A 70 5.30 1.72 24.05
N ASP A 71 6.31 1.80 23.18
CA ASP A 71 6.13 1.55 21.76
C ASP A 71 6.97 0.35 21.34
N PRO A 72 6.64 -0.29 20.22
CA PRO A 72 7.46 -1.40 19.73
C PRO A 72 8.88 -0.94 19.40
N LEU A 73 9.78 -1.92 19.32
CA LEU A 73 11.17 -1.66 19.01
C LEU A 73 11.35 -1.14 17.58
N ASP A 74 12.08 -0.02 17.42
CA ASP A 74 12.32 0.56 16.10
C ASP A 74 13.50 -0.14 15.42
N VAL A 75 13.37 -0.38 14.10
CA VAL A 75 14.42 -1.06 13.34
C VAL A 75 14.56 -0.43 11.95
N LEU A 76 15.79 -0.14 11.56
CA LEU A 76 16.16 0.17 10.19
C LEU A 76 16.59 -1.12 9.49
N VAL A 77 16.06 -1.37 8.29
CA VAL A 77 16.38 -2.61 7.56
C VAL A 77 17.01 -2.24 6.22
N VAL A 78 18.23 -2.72 5.99
CA VAL A 78 18.93 -2.51 4.72
C VAL A 78 18.48 -3.60 3.75
N THR A 79 18.04 -3.20 2.55
CA THR A 79 17.54 -4.16 1.57
C THR A 79 18.09 -3.82 0.19
N PRO A 80 18.13 -4.78 -0.73
CA PRO A 80 18.67 -4.46 -2.07
C PRO A 80 17.76 -3.54 -2.87
N TYR A 81 16.46 -3.55 -2.57
CA TYR A 81 15.49 -2.63 -3.14
C TYR A 81 14.57 -2.16 -2.03
N PRO A 82 14.10 -0.92 -2.06
CA PRO A 82 13.20 -0.45 -0.99
C PRO A 82 11.91 -1.27 -0.97
N VAL A 83 11.39 -1.51 0.23
CA VAL A 83 10.19 -2.34 0.34
C VAL A 83 8.99 -1.45 0.63
N ALA A 84 7.82 -1.94 0.25
CA ALA A 84 6.59 -1.15 0.31
C ALA A 84 6.20 -0.81 1.75
N ALA A 85 5.66 0.40 1.94
CA ALA A 85 5.14 0.76 3.24
C ALA A 85 4.07 -0.25 3.66
N GLY A 86 4.16 -0.71 4.90
CA GLY A 86 3.22 -1.67 5.42
C GLY A 86 3.60 -3.12 5.23
N SER A 87 4.64 -3.42 4.45
CA SER A 87 5.05 -4.80 4.25
C SER A 87 5.98 -5.25 5.39
N VAL A 88 6.22 -6.56 5.45
CA VAL A 88 6.89 -7.20 6.58
C VAL A 88 8.12 -7.95 6.08
N ILE A 89 9.27 -7.66 6.68
CA ILE A 89 10.54 -8.28 6.28
C ILE A 89 11.08 -9.14 7.40
N ARG A 90 11.40 -10.39 7.07
CA ARG A 90 12.16 -11.27 7.95
C ARG A 90 13.63 -10.85 7.92
N CYS A 91 14.18 -10.51 9.08
CA CYS A 91 15.52 -9.95 9.08
C CYS A 91 16.26 -10.33 10.36
N ARG A 92 17.46 -9.81 10.47
CA ARG A 92 18.44 -10.22 11.48
C ARG A 92 19.16 -8.97 11.98
N PRO A 93 19.13 -8.67 13.28
CA PRO A 93 19.76 -7.43 13.75
C PRO A 93 21.27 -7.56 13.76
N VAL A 94 21.95 -6.46 13.40
CA VAL A 94 23.40 -6.40 13.39
C VAL A 94 23.95 -5.22 14.17
N GLY A 95 23.11 -4.38 14.76
CA GLY A 95 23.62 -3.26 15.52
C GLY A 95 22.50 -2.40 16.07
N LYS A 96 22.90 -1.39 16.84
CA LYS A 96 21.98 -0.52 17.54
C LYS A 96 22.56 0.88 17.55
N LEU A 97 21.78 1.88 17.13
CA LEU A 97 22.18 3.29 17.16
C LEU A 97 21.49 3.95 18.34
N ASN A 98 22.28 4.36 19.34
CA ASN A 98 21.76 4.98 20.55
C ASN A 98 21.56 6.47 20.34
N MET A 99 20.33 6.93 20.54
CA MET A 99 20.02 8.35 20.40
C MET A 99 19.06 8.75 21.52
N GLU A 100 18.96 10.05 21.71
CA GLU A 100 17.90 10.66 22.50
C GLU A 100 17.28 11.76 21.67
N ASP A 101 15.95 11.87 21.70
CA ASP A 101 15.33 12.93 20.93
C ASP A 101 14.31 13.70 21.76
N ASP A 102 13.53 14.56 21.11
CA ASP A 102 12.58 15.41 21.81
C ASP A 102 11.46 14.61 22.47
N GLY A 103 11.38 13.31 22.20
CA GLY A 103 10.40 12.45 22.84
C GLY A 103 10.99 11.52 23.89
N GLY A 104 12.29 11.57 24.10
CA GLY A 104 12.92 10.70 25.09
C GLY A 104 13.99 9.82 24.51
N ILE A 105 14.30 8.70 25.17
CA ILE A 105 15.32 7.79 24.63
C ILE A 105 14.83 7.27 23.29
N ASP A 106 15.74 7.19 22.30
CA ASP A 106 15.34 6.76 20.97
C ASP A 106 16.45 5.94 20.33
N ALA A 107 16.64 4.73 20.83
CA ALA A 107 17.52 3.78 20.17
C ALA A 107 16.79 3.14 18.98
N LYS A 108 17.54 2.87 17.91
CA LYS A 108 16.99 2.16 16.76
C LYS A 108 17.97 1.07 16.35
N LEU A 109 17.44 -0.12 16.11
CA LEU A 109 18.29 -1.20 15.63
C LEU A 109 18.52 -1.05 14.14
N ILE A 110 19.56 -1.71 13.64
CA ILE A 110 19.77 -1.84 12.20
C ILE A 110 19.90 -3.32 11.90
N ALA A 111 19.29 -3.75 10.79
CA ALA A 111 19.13 -5.16 10.47
C ALA A 111 19.32 -5.37 8.98
N VAL A 112 19.56 -6.63 8.61
CA VAL A 112 19.69 -7.04 7.21
C VAL A 112 18.75 -8.22 6.98
N PRO A 113 18.36 -8.47 5.73
CA PRO A 113 17.41 -9.55 5.46
C PRO A 113 17.97 -10.92 5.85
N HIS A 114 17.06 -11.77 6.34
CA HIS A 114 17.37 -13.18 6.55
C HIS A 114 17.87 -13.82 5.25
N GLU A 115 18.73 -14.83 5.40
CA GLU A 115 19.34 -15.47 4.24
C GLU A 115 18.32 -16.13 3.31
N LYS A 116 17.12 -16.46 3.80
CA LYS A 116 16.10 -17.01 2.93
C LYS A 116 15.55 -15.97 1.96
N LEU A 117 15.73 -14.68 2.26
CA LEU A 117 15.25 -13.62 1.38
C LEU A 117 16.30 -13.16 0.40
N SER A 118 17.58 -13.23 0.76
CA SER A 118 18.65 -12.75 -0.10
C SER A 118 19.97 -13.33 0.35
N PRO A 119 20.87 -13.71 -0.57
CA PRO A 119 22.22 -14.15 -0.18
C PRO A 119 23.22 -13.01 0.00
N LEU A 120 22.80 -11.76 -0.22
CA LEU A 120 23.74 -10.64 -0.34
C LEU A 120 24.33 -10.20 1.00
N TYR A 121 23.84 -10.69 2.13
CA TYR A 121 24.25 -10.18 3.44
C TYR A 121 24.86 -11.25 4.33
N LYS A 122 25.23 -12.39 3.73
CA LYS A 122 25.73 -13.51 4.52
C LYS A 122 26.95 -13.13 5.35
N ASP A 123 27.79 -12.24 4.84
CA ASP A 123 28.98 -11.82 5.58
C ASP A 123 28.75 -10.56 6.43
N VAL A 124 27.54 -10.04 6.50
CA VAL A 124 27.26 -8.88 7.36
C VAL A 124 26.81 -9.44 8.71
N LYS A 125 27.73 -9.46 9.66
CA LYS A 125 27.44 -9.93 11.02
C LYS A 125 27.32 -8.79 12.02
N GLU A 126 28.01 -7.69 11.78
CA GLU A 126 27.98 -6.50 12.61
C GLU A 126 27.65 -5.31 11.73
N TYR A 127 27.14 -4.24 12.33
CA TYR A 127 26.83 -3.05 11.55
C TYR A 127 28.09 -2.50 10.87
N THR A 128 29.28 -2.78 11.44
CA THR A 128 30.52 -2.34 10.82
C THR A 128 30.86 -3.11 9.55
N ASP A 129 30.12 -4.19 9.25
CA ASP A 129 30.30 -4.90 8.00
C ASP A 129 29.51 -4.29 6.85
N LEU A 130 28.59 -3.37 7.17
CA LEU A 130 27.90 -2.58 6.16
C LEU A 130 28.83 -1.50 5.64
N PRO A 131 28.54 -0.90 4.48
CA PRO A 131 29.42 0.16 3.97
C PRO A 131 29.50 1.32 4.95
N GLN A 132 30.72 1.78 5.20
CA GLN A 132 30.90 2.89 6.15
C GLN A 132 30.09 4.11 5.74
N LEU A 133 30.01 4.39 4.43
CA LEU A 133 29.26 5.55 3.98
C LEU A 133 27.79 5.42 4.37
N LEU A 134 27.24 4.21 4.30
CA LEU A 134 25.84 4.01 4.69
C LEU A 134 25.65 4.25 6.18
N ILE A 135 26.54 3.71 7.01
CA ILE A 135 26.47 3.99 8.44
C ILE A 135 26.53 5.49 8.69
N ASN A 136 27.44 6.18 8.00
CA ASN A 136 27.54 7.62 8.17
C ASN A 136 26.28 8.34 7.69
N GLN A 137 25.67 7.83 6.62
CA GLN A 137 24.44 8.44 6.12
C GLN A 137 23.28 8.28 7.09
N VAL A 138 23.19 7.12 7.75
CA VAL A 138 22.16 6.90 8.76
C VAL A 138 22.33 7.89 9.91
N GLU A 139 23.56 7.97 10.44
CA GLU A 139 23.84 8.92 11.52
C GLU A 139 23.54 10.34 11.10
N HIS A 140 23.97 10.72 9.89
CA HIS A 140 23.76 12.09 9.42
C HIS A 140 22.28 12.40 9.23
N PHE A 141 21.52 11.44 8.69
CA PHE A 141 20.07 11.62 8.55
C PHE A 141 19.42 11.91 9.89
N PHE A 142 19.68 11.07 10.90
CA PHE A 142 19.00 11.32 12.17
C PHE A 142 19.50 12.59 12.85
N SER A 143 20.76 12.97 12.61
CA SER A 143 21.28 14.20 13.18
C SER A 143 20.62 15.44 12.59
N HIS A 144 20.07 15.37 11.38
CA HIS A 144 19.64 16.57 10.68
C HIS A 144 18.21 16.58 10.17
N TYR A 145 17.50 15.44 10.12
CA TYR A 145 16.23 15.45 9.42
C TYR A 145 15.18 16.30 10.13
N LYS A 146 15.35 16.58 11.42
CA LYS A 146 14.42 17.41 12.16
C LYS A 146 14.86 18.89 12.25
N ASP A 147 15.91 19.28 11.51
CA ASP A 147 16.51 20.61 11.69
C ASP A 147 15.52 21.74 11.42
N LEU A 148 14.57 21.55 10.51
CA LEU A 148 13.67 22.63 10.14
C LEU A 148 12.31 22.55 10.82
N GLU A 149 12.17 21.72 11.84
CA GLU A 149 10.89 21.63 12.53
C GLU A 149 11.04 22.15 13.95
N PRO A 150 10.29 23.18 14.33
CA PRO A 150 10.40 23.73 15.68
C PRO A 150 10.14 22.69 16.76
N GLY A 151 10.96 22.71 17.80
CA GLY A 151 10.76 21.85 18.94
C GLY A 151 11.15 20.39 18.74
N ARG A 152 11.65 20.00 17.58
CA ARG A 152 12.13 18.65 17.35
C ARG A 152 13.66 18.64 17.33
N TRP A 153 14.25 17.58 17.88
CA TRP A 153 15.71 17.56 18.00
C TRP A 153 16.20 16.16 18.30
N VAL A 154 17.48 15.92 18.01
CA VAL A 154 18.10 14.62 18.17
C VAL A 154 19.50 14.80 18.77
N LYS A 155 19.84 13.96 19.76
CA LYS A 155 21.21 13.80 20.23
C LYS A 155 21.67 12.38 19.92
N ILE A 156 22.82 12.23 19.27
CA ILE A 156 23.34 10.90 18.93
C ILE A 156 24.43 10.50 19.93
N SER A 157 24.25 9.34 20.57
CA SER A 157 25.26 8.84 21.51
C SER A 157 26.30 7.95 20.83
N GLY A 158 25.88 7.02 19.99
CA GLY A 158 26.82 6.15 19.31
C GLY A 158 26.20 4.80 19.01
N TRP A 159 27.00 3.92 18.43
CA TRP A 159 26.56 2.61 17.99
C TRP A 159 27.00 1.51 18.95
N GLU A 160 26.21 0.44 19.00
CA GLU A 160 26.60 -0.80 19.65
C GLU A 160 26.37 -1.96 18.68
N GLY A 161 26.99 -3.10 18.97
CA GLY A 161 27.06 -4.20 18.03
C GLY A 161 25.90 -5.18 18.09
N ALA A 162 26.04 -6.28 17.34
CA ALA A 162 24.94 -7.19 17.11
C ALA A 162 24.49 -7.87 18.40
N ASP A 163 25.42 -8.24 19.27
CA ASP A 163 25.03 -8.91 20.50
C ASP A 163 24.18 -8.01 21.38
N VAL A 164 24.54 -6.73 21.48
CA VAL A 164 23.73 -5.78 22.24
C VAL A 164 22.35 -5.61 21.60
N ALA A 165 22.31 -5.51 20.27
CA ALA A 165 21.01 -5.39 19.59
C ALA A 165 20.13 -6.61 19.84
N LYS A 166 20.72 -7.81 19.81
CA LYS A 166 19.93 -9.01 20.06
C LYS A 166 19.39 -9.04 21.48
N ALA A 167 20.20 -8.62 22.45
CA ALA A 167 19.72 -8.54 23.83
C ALA A 167 18.56 -7.56 23.96
N GLU A 168 18.61 -6.45 23.21
CA GLU A 168 17.51 -5.50 23.22
C GLU A 168 16.22 -6.12 22.71
N VAL A 169 16.31 -6.96 21.68
CA VAL A 169 15.13 -7.65 21.16
C VAL A 169 14.56 -8.58 22.22
N ILE A 170 15.41 -9.39 22.86
CA ILE A 170 14.93 -10.29 23.90
C ILE A 170 14.22 -9.51 24.99
N LYS A 171 14.82 -8.40 25.42
CA LYS A 171 14.24 -7.57 26.48
C LYS A 171 12.88 -7.02 26.08
N ALA A 172 12.75 -6.57 24.83
CA ALA A 172 11.49 -5.98 24.38
C ALA A 172 10.41 -7.03 24.14
N ILE A 173 10.80 -8.25 23.77
CA ILE A 173 9.82 -9.34 23.68
C ILE A 173 9.32 -9.71 25.07
N GLU A 174 10.24 -9.82 26.03
CA GLU A 174 9.88 -10.05 27.43
C GLU A 174 8.87 -9.03 27.93
N ALA A 175 9.16 -7.74 27.71
CA ALA A 175 8.31 -6.68 28.23
C ALA A 175 6.89 -6.78 27.67
N ALA A 176 6.75 -7.16 26.41
CA ALA A 176 5.41 -7.29 25.82
C ALA A 176 4.62 -8.42 26.44
N LYS A 177 5.25 -9.29 27.22
CA LYS A 177 4.56 -10.32 27.99
C LYS A 177 4.51 -9.97 29.47
N SER B 5 -9.37 -2.07 12.20
CA SER B 5 -9.89 -1.68 10.89
C SER B 5 -10.13 -0.17 10.80
N TYR B 6 -10.45 0.28 9.57
CA TYR B 6 -10.64 1.71 9.30
C TYR B 6 -11.76 2.32 10.13
N ASN B 7 -12.79 1.55 10.48
CA ASN B 7 -13.91 2.15 11.19
C ASN B 7 -13.60 2.46 12.65
N ASN B 8 -12.45 2.05 13.18
CA ASN B 8 -12.03 2.53 14.49
C ASN B 8 -11.46 3.94 14.44
N ILE B 9 -11.22 4.46 13.25
CA ILE B 9 -10.73 5.83 13.13
C ILE B 9 -11.94 6.75 13.27
N PRO B 10 -11.92 7.68 14.22
CA PRO B 10 -13.03 8.63 14.33
C PRO B 10 -13.03 9.58 13.14
N ALA B 11 -14.18 10.23 12.93
CA ALA B 11 -14.27 11.26 11.90
C ALA B 11 -13.25 12.37 12.13
N GLY B 12 -12.89 12.64 13.39
CA GLY B 12 -11.88 13.64 13.66
C GLY B 12 -11.51 13.65 15.12
N LYS B 13 -10.30 14.15 15.39
CA LYS B 13 -9.92 14.43 16.77
C LYS B 13 -10.75 15.56 17.36
N ASP B 14 -11.15 16.53 16.53
CA ASP B 14 -12.03 17.62 16.94
C ASP B 14 -12.78 18.14 15.74
N ALA B 15 -13.68 17.32 15.20
CA ALA B 15 -14.46 17.71 14.05
C ALA B 15 -15.35 18.91 14.39
N PRO B 16 -15.64 19.78 13.42
CA PRO B 16 -15.26 19.69 12.00
C PRO B 16 -13.96 20.45 11.65
N ASN B 17 -13.31 21.06 12.64
CA ASN B 17 -12.10 21.81 12.34
C ASN B 17 -10.87 20.92 12.20
N ASP B 18 -10.95 19.68 12.70
CA ASP B 18 -9.81 18.78 12.83
C ASP B 18 -10.36 17.39 12.51
N ILE B 19 -10.19 16.93 11.27
CA ILE B 19 -10.81 15.70 10.80
C ILE B 19 -9.74 14.75 10.25
N TYR B 20 -10.13 13.50 10.05
CA TYR B 20 -9.30 12.51 9.36
C TYR B 20 -9.90 12.19 8.01
N VAL B 21 -9.04 12.05 7.00
CA VAL B 21 -9.49 11.59 5.69
C VAL B 21 -8.66 10.37 5.30
N ILE B 22 -9.34 9.29 4.96
CA ILE B 22 -8.68 8.10 4.45
C ILE B 22 -8.54 8.27 2.94
N ILE B 23 -7.31 8.23 2.44
CA ILE B 23 -7.07 8.52 1.02
C ILE B 23 -7.27 7.25 0.20
N GLU B 24 -8.01 7.39 -0.89
CA GLU B 24 -8.19 6.30 -1.86
C GLU B 24 -7.33 6.47 -3.10
N ILE B 25 -7.13 7.71 -3.56
CA ILE B 25 -6.41 7.99 -4.79
C ILE B 25 -5.39 9.09 -4.52
N PRO B 26 -4.10 8.85 -4.68
CA PRO B 26 -3.12 9.93 -4.50
C PRO B 26 -3.24 10.98 -5.58
N ALA B 27 -2.87 12.22 -5.22
CA ALA B 27 -2.70 13.26 -6.22
C ALA B 27 -1.71 12.81 -7.29
N ASN B 28 -1.98 13.20 -8.54
CA ASN B 28 -1.02 13.05 -9.65
C ASN B 28 -0.68 11.59 -9.93
N ALA B 29 -1.61 10.69 -9.64
CA ALA B 29 -1.33 9.27 -9.77
C ALA B 29 -1.77 8.76 -11.14
N ALA B 30 -1.42 7.49 -11.41
CA ALA B 30 -1.92 6.82 -12.61
C ALA B 30 -3.45 6.79 -12.60
N PRO B 31 -4.08 6.68 -13.79
CA PRO B 31 -5.55 6.79 -13.86
C PRO B 31 -6.27 5.53 -13.40
N ILE B 32 -6.00 5.11 -12.16
CA ILE B 32 -6.67 3.98 -11.54
C ILE B 32 -7.58 4.53 -10.44
N LYS B 33 -8.87 4.28 -10.56
CA LYS B 33 -9.86 4.83 -9.62
C LYS B 33 -10.08 3.78 -8.54
N TYR B 34 -9.29 3.86 -7.47
CA TYR B 34 -9.44 2.98 -6.33
C TYR B 34 -10.60 3.42 -5.44
N GLU B 35 -11.26 2.45 -4.81
CA GLU B 35 -12.25 2.70 -3.79
C GLU B 35 -12.09 1.67 -2.68
N ILE B 36 -12.17 2.12 -1.43
CA ILE B 36 -12.04 1.18 -0.32
C ILE B 36 -13.38 0.48 -0.11
N ASP B 37 -13.33 -0.84 0.05
CA ASP B 37 -14.55 -1.64 0.21
C ASP B 37 -14.96 -1.68 1.67
N LYS B 38 -16.23 -1.38 1.93
CA LYS B 38 -16.73 -1.35 3.30
C LYS B 38 -16.58 -2.70 3.99
N ASP B 39 -16.87 -3.79 3.27
CA ASP B 39 -16.95 -5.12 3.88
C ASP B 39 -15.58 -5.72 4.20
N SER B 40 -14.50 -5.19 3.63
CA SER B 40 -13.19 -5.81 3.80
C SER B 40 -12.07 -4.84 4.11
N ASP B 41 -12.30 -3.53 4.06
CA ASP B 41 -11.28 -2.50 4.20
C ASP B 41 -10.27 -2.51 3.07
N ALA B 42 -10.47 -3.37 2.06
CA ALA B 42 -9.48 -3.51 1.01
C ALA B 42 -9.69 -2.47 -0.10
N LEU B 43 -8.60 -2.11 -0.74
CA LEU B 43 -8.62 -1.19 -1.87
C LEU B 43 -9.02 -1.95 -3.12
N PHE B 44 -10.17 -1.61 -3.70
CA PHE B 44 -10.61 -2.20 -4.95
C PHE B 44 -10.32 -1.25 -6.11
N VAL B 45 -10.03 -1.81 -7.27
CA VAL B 45 -9.99 -1.04 -8.51
C VAL B 45 -11.43 -0.86 -8.98
N ASP B 46 -11.98 0.32 -8.81
CA ASP B 46 -13.32 0.53 -9.34
C ASP B 46 -13.31 0.56 -10.86
N ARG B 47 -12.30 1.21 -11.45
CA ARG B 47 -12.16 1.25 -12.90
C ARG B 47 -10.81 1.85 -13.25
N PHE B 48 -10.40 1.63 -14.50
CA PHE B 48 -9.33 2.39 -15.10
C PHE B 48 -9.99 3.55 -15.83
N MET B 49 -9.60 4.78 -15.50
CA MET B 49 -10.36 5.92 -16.00
C MET B 49 -10.13 6.08 -17.49
N GLY B 50 -11.14 6.62 -18.17
CA GLY B 50 -11.11 6.66 -19.62
C GLY B 50 -10.29 7.78 -20.22
N THR B 51 -10.15 8.90 -19.52
CA THR B 51 -9.46 10.07 -20.06
C THR B 51 -8.02 10.14 -19.56
N ALA B 52 -7.21 10.92 -20.28
CA ALA B 52 -5.81 11.10 -19.93
C ALA B 52 -5.68 12.23 -18.91
N MET B 53 -6.19 11.94 -17.71
CA MET B 53 -6.25 12.93 -16.64
C MET B 53 -5.81 12.29 -15.33
N PHE B 54 -5.49 13.15 -14.36
CA PHE B 54 -5.14 12.70 -13.01
C PHE B 54 -5.87 13.56 -11.99
N TYR B 55 -6.20 12.96 -10.85
CA TYR B 55 -6.76 13.74 -9.74
C TYR B 55 -5.76 14.83 -9.32
N PRO B 56 -6.17 16.10 -9.28
CA PRO B 56 -5.23 17.17 -8.94
C PRO B 56 -4.91 17.28 -7.46
N ALA B 57 -5.63 16.58 -6.61
CA ALA B 57 -5.37 16.50 -5.18
C ALA B 57 -5.64 15.07 -4.73
N ASN B 58 -5.16 14.72 -3.54
CA ASN B 58 -5.45 13.40 -3.00
C ASN B 58 -6.94 13.29 -2.73
N TYR B 59 -7.50 12.12 -2.95
CA TYR B 59 -8.95 11.97 -2.88
C TYR B 59 -9.29 10.83 -1.93
N GLY B 60 -10.22 11.08 -1.01
CA GLY B 60 -10.66 10.05 -0.11
C GLY B 60 -11.92 10.43 0.63
N TYR B 61 -12.10 9.92 1.86
CA TYR B 61 -13.35 10.13 2.57
C TYR B 61 -13.10 10.24 4.06
N VAL B 62 -14.09 10.77 4.78
CA VAL B 62 -14.02 10.89 6.24
C VAL B 62 -14.65 9.64 6.84
N PRO B 63 -13.93 8.89 7.67
CA PRO B 63 -14.54 7.70 8.26
C PRO B 63 -15.66 8.08 9.22
N ASN B 64 -16.61 7.17 9.38
CA ASN B 64 -17.71 7.35 10.33
C ASN B 64 -18.54 8.58 10.00
N THR B 65 -18.75 8.80 8.70
CA THR B 65 -19.67 9.80 8.19
C THR B 65 -20.61 9.12 7.21
N LEU B 66 -21.73 9.77 6.93
CA LEU B 66 -22.66 9.28 5.92
C LEU B 66 -23.15 10.47 5.10
N SER B 67 -22.88 10.44 3.80
CA SER B 67 -23.24 11.52 2.90
C SER B 67 -24.51 11.14 2.14
N GLU B 68 -24.91 12.00 1.20
CA GLU B 68 -26.23 11.87 0.58
C GLU B 68 -26.37 10.60 -0.24
N ASP B 69 -25.28 10.08 -0.80
CA ASP B 69 -25.35 8.88 -1.61
C ASP B 69 -25.20 7.60 -0.79
N GLY B 70 -25.30 7.68 0.53
CA GLY B 70 -25.22 6.52 1.40
C GLY B 70 -23.82 6.12 1.82
N ASP B 71 -22.79 6.79 1.31
CA ASP B 71 -21.40 6.47 1.59
C ASP B 71 -20.74 7.61 2.36
N PRO B 72 -19.57 7.38 2.96
CA PRO B 72 -18.92 8.47 3.72
C PRO B 72 -18.64 9.69 2.85
N LEU B 73 -18.47 10.83 3.54
CA LEU B 73 -18.29 12.12 2.90
C LEU B 73 -16.97 12.20 2.12
N ASP B 74 -17.05 12.62 0.86
CA ASP B 74 -15.87 12.74 -0.02
C ASP B 74 -15.07 14.01 0.25
N VAL B 75 -13.74 13.88 0.27
CA VAL B 75 -12.86 15.01 0.54
C VAL B 75 -11.63 14.93 -0.35
N LEU B 76 -11.26 16.06 -0.97
CA LEU B 76 -9.97 16.25 -1.61
C LEU B 76 -9.01 16.92 -0.63
N VAL B 77 -7.78 16.42 -0.54
CA VAL B 77 -6.79 16.98 0.40
C VAL B 77 -5.56 17.41 -0.39
N VAL B 78 -5.21 18.69 -0.25
CA VAL B 78 -4.03 19.24 -0.90
C VAL B 78 -2.84 18.98 0.01
N THR B 79 -1.75 18.43 -0.54
CA THR B 79 -0.57 18.10 0.25
C THR B 79 0.69 18.49 -0.50
N PRO B 80 1.80 18.67 0.21
CA PRO B 80 3.05 19.01 -0.50
C PRO B 80 3.58 17.87 -1.33
N TYR B 81 3.28 16.64 -0.97
CA TYR B 81 3.64 15.42 -1.72
C TYR B 81 2.44 14.49 -1.72
N PRO B 82 2.20 13.76 -2.81
CA PRO B 82 1.04 12.85 -2.85
C PRO B 82 1.18 11.78 -1.79
N VAL B 83 0.06 11.42 -1.18
CA VAL B 83 0.09 10.44 -0.11
C VAL B 83 -0.50 9.13 -0.63
N ALA B 84 0.00 8.03 -0.06
CA ALA B 84 -0.28 6.70 -0.59
C ALA B 84 -1.75 6.33 -0.43
N ALA B 85 -2.25 5.57 -1.41
CA ALA B 85 -3.59 5.03 -1.32
C ALA B 85 -3.71 4.17 -0.07
N GLY B 86 -4.79 4.39 0.68
CA GLY B 86 -5.02 3.68 1.91
C GLY B 86 -4.50 4.37 3.16
N SER B 87 -3.70 5.43 3.01
CA SER B 87 -3.16 6.12 4.19
C SER B 87 -4.15 7.18 4.69
N VAL B 88 -3.92 7.66 5.91
CA VAL B 88 -4.87 8.51 6.61
C VAL B 88 -4.21 9.83 6.96
N ILE B 89 -4.90 10.93 6.66
CA ILE B 89 -4.31 12.26 6.83
C ILE B 89 -5.20 13.13 7.71
N ARG B 90 -4.59 13.75 8.73
CA ARG B 90 -5.24 14.71 9.60
C ARG B 90 -5.32 16.05 8.88
N CYS B 91 -6.52 16.57 8.68
CA CYS B 91 -6.66 17.74 7.84
C CYS B 91 -7.82 18.61 8.31
N ARG B 92 -8.08 19.66 7.55
CA ARG B 92 -9.04 20.64 7.92
C ARG B 92 -9.73 21.21 6.68
N PRO B 93 -11.07 21.25 6.66
CA PRO B 93 -11.78 21.66 5.44
C PRO B 93 -11.73 23.16 5.22
N VAL B 94 -11.64 23.55 3.95
CA VAL B 94 -11.63 24.95 3.57
C VAL B 94 -12.60 25.28 2.46
N GLY B 95 -13.33 24.30 1.93
CA GLY B 95 -14.29 24.60 0.88
C GLY B 95 -15.10 23.39 0.51
N LYS B 96 -16.11 23.64 -0.32
CA LYS B 96 -17.02 22.60 -0.78
C LYS B 96 -17.35 22.86 -2.23
N LEU B 97 -17.13 21.87 -3.10
CA LEU B 97 -17.48 21.97 -4.51
C LEU B 97 -18.81 21.25 -4.73
N ASN B 98 -19.83 21.99 -5.13
CA ASN B 98 -21.17 21.44 -5.34
C ASN B 98 -21.28 20.93 -6.77
N MET B 99 -21.68 19.66 -6.90
CA MET B 99 -21.82 19.04 -8.22
C MET B 99 -23.00 18.09 -8.18
N GLU B 100 -23.44 17.68 -9.36
CA GLU B 100 -24.33 16.54 -9.54
C GLU B 100 -23.70 15.62 -10.58
N ASP B 101 -23.75 14.32 -10.34
CA ASP B 101 -23.24 13.38 -11.33
C ASP B 101 -24.33 12.38 -11.70
N ASP B 102 -23.95 11.37 -12.48
CA ASP B 102 -24.91 10.38 -12.97
C ASP B 102 -25.60 9.62 -11.86
N GLY B 103 -25.08 9.69 -10.63
CA GLY B 103 -25.68 9.02 -9.50
C GLY B 103 -26.52 9.92 -8.60
N GLY B 104 -26.42 11.23 -8.76
CA GLY B 104 -27.19 12.16 -7.97
C GLY B 104 -26.32 13.29 -7.45
N ILE B 105 -26.77 13.92 -6.36
CA ILE B 105 -26.00 15.02 -5.77
C ILE B 105 -24.65 14.49 -5.31
N ASP B 106 -23.59 15.25 -5.61
CA ASP B 106 -22.22 14.79 -5.39
C ASP B 106 -21.33 15.97 -5.03
N ALA B 107 -21.51 16.49 -3.81
CA ALA B 107 -20.61 17.50 -3.31
C ALA B 107 -19.35 16.84 -2.78
N LYS B 108 -18.23 17.55 -2.91
CA LYS B 108 -16.97 17.08 -2.37
C LYS B 108 -16.29 18.24 -1.66
N LEU B 109 -15.72 17.97 -0.49
CA LEU B 109 -14.99 19.00 0.22
C LEU B 109 -13.55 19.08 -0.27
N ILE B 110 -12.91 20.20 0.02
CA ILE B 110 -11.46 20.32 -0.18
C ILE B 110 -10.85 20.74 1.15
N ALA B 111 -9.66 20.20 1.45
CA ALA B 111 -9.06 20.36 2.77
C ALA B 111 -7.56 20.49 2.63
N VAL B 112 -6.91 20.97 3.70
CA VAL B 112 -5.46 21.09 3.76
C VAL B 112 -4.98 20.40 5.03
N PRO B 113 -3.71 20.01 5.09
CA PRO B 113 -3.22 19.27 6.27
C PRO B 113 -3.30 20.13 7.53
N HIS B 114 -3.49 19.46 8.65
CA HIS B 114 -3.37 20.08 9.96
C HIS B 114 -1.96 20.65 10.15
N GLU B 115 -1.86 21.73 10.94
CA GLU B 115 -0.58 22.41 11.12
C GLU B 115 0.50 21.53 11.73
N LYS B 116 0.13 20.48 12.46
CA LYS B 116 1.13 19.55 12.97
C LYS B 116 1.77 18.72 11.88
N LEU B 117 1.15 18.63 10.70
CA LEU B 117 1.71 17.87 9.60
C LEU B 117 2.57 18.73 8.68
N SER B 118 2.21 20.01 8.52
CA SER B 118 2.97 20.88 7.63
C SER B 118 2.67 22.32 8.00
N PRO B 119 3.67 23.22 7.99
CA PRO B 119 3.40 24.64 8.20
C PRO B 119 2.95 25.37 6.95
N LEU B 120 2.88 24.70 5.81
CA LEU B 120 2.73 25.37 4.53
C LEU B 120 1.32 25.92 4.28
N TYR B 121 0.34 25.59 5.10
CA TYR B 121 -1.04 25.96 4.81
C TYR B 121 -1.65 26.84 5.90
N LYS B 122 -0.81 27.41 6.76
CA LYS B 122 -1.30 28.20 7.88
C LYS B 122 -2.17 29.37 7.44
N ASP B 123 -1.87 29.95 6.29
CA ASP B 123 -2.64 31.09 5.81
C ASP B 123 -3.80 30.70 4.91
N VAL B 124 -4.02 29.39 4.70
CA VAL B 124 -5.10 28.92 3.84
C VAL B 124 -6.31 28.66 4.74
N LYS B 125 -7.23 29.63 4.78
CA LYS B 125 -8.44 29.50 5.57
C LYS B 125 -9.67 29.20 4.74
N GLU B 126 -9.66 29.64 3.48
CA GLU B 126 -10.72 29.38 2.52
C GLU B 126 -10.11 28.75 1.27
N TYR B 127 -10.95 28.05 0.49
CA TYR B 127 -10.45 27.47 -0.74
C TYR B 127 -9.91 28.53 -1.69
N THR B 128 -10.41 29.77 -1.58
CA THR B 128 -9.89 30.87 -2.39
C THR B 128 -8.48 31.29 -1.98
N ASP B 129 -7.95 30.78 -0.86
CA ASP B 129 -6.56 31.01 -0.50
C ASP B 129 -5.61 30.00 -1.16
N LEU B 130 -6.13 28.94 -1.75
CA LEU B 130 -5.31 28.05 -2.57
C LEU B 130 -5.04 28.70 -3.92
N PRO B 131 -4.03 28.24 -4.66
CA PRO B 131 -3.76 28.86 -5.97
C PRO B 131 -4.98 28.74 -6.88
N GLN B 132 -5.33 29.85 -7.54
CA GLN B 132 -6.49 29.85 -8.43
C GLN B 132 -6.38 28.75 -9.49
N LEU B 133 -5.18 28.56 -10.02
CA LEU B 133 -5.02 27.53 -11.05
C LEU B 133 -5.38 26.15 -10.50
N LEU B 134 -5.01 25.87 -9.24
CA LEU B 134 -5.38 24.57 -8.67
C LEU B 134 -6.90 24.43 -8.55
N ILE B 135 -7.58 25.47 -8.07
CA ILE B 135 -9.04 25.42 -8.00
C ILE B 135 -9.62 25.17 -9.38
N ASN B 136 -9.09 25.85 -10.40
CA ASN B 136 -9.57 25.64 -11.76
C ASN B 136 -9.30 24.21 -12.23
N GLN B 137 -8.14 23.66 -11.87
CA GLN B 137 -7.80 22.30 -12.26
C GLN B 137 -8.74 21.28 -11.65
N VAL B 138 -9.15 21.52 -10.40
CA VAL B 138 -10.09 20.62 -9.73
C VAL B 138 -11.45 20.65 -10.43
N GLU B 139 -11.95 21.85 -10.70
CA GLU B 139 -13.22 21.99 -11.43
C GLU B 139 -13.14 21.33 -12.80
N HIS B 140 -12.05 21.59 -13.52
CA HIS B 140 -11.90 21.05 -14.87
C HIS B 140 -11.80 19.53 -14.84
N PHE B 141 -11.07 18.99 -13.87
CA PHE B 141 -10.97 17.53 -13.75
C PHE B 141 -12.33 16.90 -13.55
N PHE B 142 -13.11 17.40 -12.59
CA PHE B 142 -14.40 16.76 -12.36
C PHE B 142 -15.33 16.98 -13.55
N SER B 143 -15.18 18.11 -14.24
CA SER B 143 -16.02 18.36 -15.41
C SER B 143 -15.76 17.37 -16.55
N HIS B 144 -14.54 16.81 -16.64
CA HIS B 144 -14.17 16.07 -17.84
C HIS B 144 -13.67 14.65 -17.62
N TYR B 145 -13.39 14.22 -16.39
CA TYR B 145 -12.73 12.92 -16.23
C TYR B 145 -13.62 11.75 -16.63
N LYS B 146 -14.94 11.96 -16.69
CA LYS B 146 -15.87 10.93 -17.14
C LYS B 146 -16.25 11.08 -18.62
N ASP B 147 -15.56 11.92 -19.38
CA ASP B 147 -15.99 12.20 -20.77
C ASP B 147 -15.95 10.99 -21.69
N LEU B 148 -15.12 9.98 -21.40
CA LEU B 148 -14.99 8.83 -22.30
C LEU B 148 -15.67 7.58 -21.75
N GLU B 149 -16.51 7.73 -20.73
CA GLU B 149 -17.28 6.62 -20.17
C GLU B 149 -18.76 6.87 -20.36
N PRO B 150 -19.40 6.14 -21.27
CA PRO B 150 -20.83 6.40 -21.53
C PRO B 150 -21.67 6.17 -20.30
N GLY B 151 -22.64 7.05 -20.08
CA GLY B 151 -23.52 6.96 -18.94
C GLY B 151 -22.99 7.60 -17.69
N ARG B 152 -21.76 8.12 -17.70
CA ARG B 152 -21.19 8.82 -16.57
C ARG B 152 -21.01 10.28 -16.97
N TRP B 153 -21.40 11.20 -16.08
CA TRP B 153 -21.33 12.62 -16.40
C TRP B 153 -21.33 13.42 -15.11
N VAL B 154 -20.97 14.71 -15.22
CA VAL B 154 -20.86 15.63 -14.08
C VAL B 154 -21.38 17.00 -14.49
N LYS B 155 -22.17 17.62 -13.61
CA LYS B 155 -22.55 19.03 -13.75
C LYS B 155 -22.05 19.78 -12.52
N ILE B 156 -21.25 20.82 -12.74
CA ILE B 156 -20.72 21.64 -11.66
C ILE B 156 -21.68 22.76 -11.34
N SER B 157 -21.97 22.96 -10.05
CA SER B 157 -22.75 24.10 -9.59
C SER B 157 -21.88 25.27 -9.16
N GLY B 158 -20.88 25.02 -8.34
CA GLY B 158 -20.00 26.06 -7.84
C GLY B 158 -19.49 25.73 -6.46
N TRP B 159 -18.70 26.65 -5.91
CA TRP B 159 -18.03 26.45 -4.63
C TRP B 159 -18.75 27.15 -3.49
N GLU B 160 -18.57 26.63 -2.29
CA GLU B 160 -18.89 27.33 -1.05
C GLU B 160 -17.70 27.24 -0.11
N GLY B 161 -17.68 28.10 0.91
CA GLY B 161 -16.51 28.30 1.72
C GLY B 161 -16.39 27.35 2.91
N ALA B 162 -15.42 27.68 3.77
CA ALA B 162 -15.01 26.79 4.86
C ALA B 162 -16.14 26.57 5.87
N ASP B 163 -16.88 27.62 6.21
CA ASP B 163 -17.96 27.45 7.18
C ASP B 163 -19.02 26.48 6.66
N VAL B 164 -19.37 26.59 5.38
CA VAL B 164 -20.32 25.65 4.79
C VAL B 164 -19.73 24.25 4.77
N ALA B 165 -18.46 24.13 4.42
CA ALA B 165 -17.81 22.83 4.41
C ALA B 165 -17.83 22.19 5.78
N LYS B 166 -17.56 22.99 6.83
CA LYS B 166 -17.54 22.45 8.19
C LYS B 166 -18.92 22.00 8.62
N ALA B 167 -19.97 22.71 8.19
CA ALA B 167 -21.33 22.29 8.49
C ALA B 167 -21.68 20.99 7.79
N GLU B 168 -21.14 20.78 6.58
CA GLU B 168 -21.35 19.51 5.89
C GLU B 168 -20.71 18.35 6.65
N VAL B 169 -19.54 18.58 7.27
CA VAL B 169 -18.92 17.55 8.10
C VAL B 169 -19.82 17.18 9.27
N ILE B 170 -20.32 18.18 9.99
CA ILE B 170 -21.21 17.92 11.13
C ILE B 170 -22.45 17.17 10.66
N LYS B 171 -23.02 17.57 9.54
CA LYS B 171 -24.21 16.91 9.02
C LYS B 171 -23.95 15.44 8.73
N ALA B 172 -22.79 15.12 8.14
CA ALA B 172 -22.49 13.74 7.78
C ALA B 172 -22.13 12.91 9.00
N ILE B 173 -21.56 13.52 10.03
CA ILE B 173 -21.25 12.77 11.25
C ILE B 173 -22.54 12.38 11.96
N GLU B 174 -23.43 13.34 12.16
CA GLU B 174 -24.70 13.05 12.81
C GLU B 174 -25.53 12.06 12.00
N ALA B 175 -25.51 12.18 10.68
CA ALA B 175 -26.26 11.26 9.84
C ALA B 175 -25.77 9.83 9.98
N ALA B 176 -24.53 9.62 10.43
CA ALA B 176 -24.02 8.28 10.64
C ALA B 176 -24.46 7.67 11.97
N LYS B 177 -25.03 8.45 12.88
CA LYS B 177 -25.50 7.93 14.16
C LYS B 177 -27.01 7.69 14.17
N SER C 5 -11.49 -8.14 6.62
CA SER C 5 -10.31 -8.84 6.15
C SER C 5 -10.53 -9.34 4.72
N TYR C 6 -9.42 -9.75 4.08
CA TYR C 6 -9.47 -10.27 2.71
C TYR C 6 -10.42 -11.46 2.58
N ASN C 7 -10.55 -12.26 3.64
CA ASN C 7 -11.41 -13.43 3.55
C ASN C 7 -12.89 -13.05 3.46
N ASN C 8 -13.24 -11.79 3.70
CA ASN C 8 -14.60 -11.34 3.48
C ASN C 8 -14.92 -11.12 2.01
N ILE C 9 -13.91 -11.10 1.14
CA ILE C 9 -14.10 -10.94 -0.29
C ILE C 9 -14.43 -12.29 -0.89
N PRO C 10 -15.55 -12.44 -1.60
CA PRO C 10 -15.86 -13.73 -2.23
C PRO C 10 -14.89 -13.99 -3.38
N ALA C 11 -14.86 -15.25 -3.81
CA ALA C 11 -14.05 -15.58 -4.99
C ALA C 11 -14.51 -14.79 -6.20
N GLY C 12 -15.78 -14.44 -6.29
CA GLY C 12 -16.26 -13.61 -7.37
C GLY C 12 -17.72 -13.25 -7.21
N LYS C 13 -18.11 -12.18 -7.90
CA LYS C 13 -19.53 -11.84 -7.97
C LYS C 13 -20.31 -12.88 -8.75
N ASP C 14 -19.67 -13.50 -9.76
CA ASP C 14 -20.31 -14.52 -10.57
C ASP C 14 -19.26 -15.40 -11.22
N ALA C 15 -18.61 -16.24 -10.42
CA ALA C 15 -17.57 -17.11 -10.94
C ALA C 15 -18.16 -18.10 -11.94
N PRO C 16 -17.40 -18.48 -12.97
CA PRO C 16 -16.00 -18.15 -13.21
C PRO C 16 -15.78 -16.96 -14.14
N ASN C 17 -16.84 -16.34 -14.64
CA ASN C 17 -16.66 -15.27 -15.62
C ASN C 17 -16.49 -13.90 -14.98
N ASP C 18 -16.64 -13.80 -13.67
CA ASP C 18 -16.61 -12.52 -12.95
C ASP C 18 -16.01 -12.84 -11.58
N ILE C 19 -14.69 -12.64 -11.44
CA ILE C 19 -13.99 -13.05 -10.23
C ILE C 19 -13.18 -11.88 -9.67
N TYR C 20 -12.72 -12.03 -8.44
CA TYR C 20 -11.83 -11.07 -7.81
C TYR C 20 -10.44 -11.65 -7.67
N VAL C 21 -9.42 -10.83 -7.93
CA VAL C 21 -8.04 -11.24 -7.69
C VAL C 21 -7.38 -10.20 -6.81
N ILE C 22 -6.79 -10.64 -5.70
CA ILE C 22 -6.02 -9.78 -4.81
C ILE C 22 -4.58 -9.77 -5.29
N ILE C 23 -4.06 -8.59 -5.60
CA ILE C 23 -2.73 -8.47 -6.20
C ILE C 23 -1.66 -8.43 -5.11
N GLU C 24 -0.62 -9.24 -5.29
CA GLU C 24 0.54 -9.26 -4.40
C GLU C 24 1.75 -8.54 -5.01
N ILE C 25 1.92 -8.66 -6.32
CA ILE C 25 3.06 -8.08 -7.03
C ILE C 25 2.53 -7.30 -8.23
N PRO C 26 2.74 -5.99 -8.28
CA PRO C 26 2.34 -5.24 -9.48
C PRO C 26 3.15 -5.62 -10.70
N ALA C 27 2.55 -5.43 -11.87
CA ALA C 27 3.30 -5.56 -13.12
C ALA C 27 4.47 -4.60 -13.15
N ASN C 28 5.57 -5.04 -13.77
CA ASN C 28 6.72 -4.17 -14.04
C ASN C 28 7.30 -3.57 -12.76
N ALA C 29 7.26 -4.33 -11.68
CA ALA C 29 7.70 -3.82 -10.40
C ALA C 29 9.15 -4.19 -10.15
N ALA C 30 9.69 -3.70 -9.02
CA ALA C 30 11.02 -4.10 -8.59
C ALA C 30 11.03 -5.61 -8.29
N PRO C 31 12.21 -6.24 -8.32
CA PRO C 31 12.27 -7.70 -8.15
C PRO C 31 12.12 -8.16 -6.70
N ILE C 32 11.00 -7.80 -6.09
CA ILE C 32 10.63 -8.22 -4.75
C ILE C 32 9.42 -9.13 -4.86
N LYS C 33 9.55 -10.35 -4.35
CA LYS C 33 8.46 -11.32 -4.38
C LYS C 33 7.66 -11.18 -3.08
N TYR C 34 6.57 -10.41 -3.13
CA TYR C 34 5.67 -10.26 -1.99
C TYR C 34 4.64 -11.39 -1.98
N GLU C 35 4.24 -11.80 -0.77
CA GLU C 35 3.16 -12.76 -0.58
C GLU C 35 2.31 -12.31 0.60
N ILE C 36 0.99 -12.41 0.46
CA ILE C 36 0.10 -12.01 1.55
C ILE C 36 0.02 -13.16 2.55
N ASP C 37 0.20 -12.83 3.82
CA ASP C 37 0.13 -13.81 4.90
C ASP C 37 -1.32 -14.02 5.30
N LYS C 38 -1.75 -15.29 5.32
CA LYS C 38 -3.15 -15.57 5.63
C LYS C 38 -3.50 -15.16 7.05
N ASP C 39 -2.57 -15.31 7.99
CA ASP C 39 -2.88 -15.08 9.40
C ASP C 39 -3.02 -13.60 9.75
N SER C 40 -2.43 -12.70 8.96
CA SER C 40 -2.46 -11.29 9.28
C SER C 40 -3.01 -10.40 8.18
N ASP C 41 -3.23 -10.92 6.97
CA ASP C 41 -3.55 -10.14 5.78
C ASP C 41 -2.40 -9.22 5.38
N ALA C 42 -1.22 -9.37 5.99
CA ALA C 42 -0.12 -8.46 5.70
C ALA C 42 0.72 -8.97 4.54
N LEU C 43 1.26 -8.01 3.78
CA LEU C 43 2.16 -8.29 2.68
C LEU C 43 3.54 -8.60 3.24
N PHE C 44 4.04 -9.82 3.02
CA PHE C 44 5.38 -10.19 3.45
C PHE C 44 6.34 -10.20 2.27
N VAL C 45 7.58 -9.82 2.51
CA VAL C 45 8.64 -10.06 1.53
C VAL C 45 9.00 -11.53 1.59
N ASP C 46 8.63 -12.31 0.57
CA ASP C 46 9.07 -13.68 0.56
C ASP C 46 10.55 -13.77 0.23
N ARG C 47 11.00 -13.00 -0.76
CA ARG C 47 12.40 -12.96 -1.13
C ARG C 47 12.65 -11.79 -2.07
N PHE C 48 13.91 -11.43 -2.20
CA PHE C 48 14.36 -10.59 -3.29
C PHE C 48 14.80 -11.53 -4.41
N MET C 49 14.21 -11.39 -5.59
CA MET C 49 14.44 -12.38 -6.63
C MET C 49 15.85 -12.28 -7.18
N GLY C 50 16.37 -13.43 -7.63
CA GLY C 50 17.76 -13.52 -8.01
C GLY C 50 18.10 -13.00 -9.39
N THR C 51 17.16 -13.11 -10.34
CA THR C 51 17.43 -12.71 -11.71
C THR C 51 16.98 -11.28 -11.96
N ALA C 52 17.55 -10.68 -13.02
CA ALA C 52 17.17 -9.32 -13.42
C ALA C 52 15.91 -9.36 -14.28
N MET C 53 14.80 -9.73 -13.64
CA MET C 53 13.52 -9.91 -14.33
C MET C 53 12.41 -9.24 -13.54
N PHE C 54 11.25 -9.08 -14.19
CA PHE C 54 10.07 -8.52 -13.54
C PHE C 54 8.84 -9.30 -13.97
N TYR C 55 7.85 -9.38 -13.08
CA TYR C 55 6.60 -10.02 -13.47
C TYR C 55 5.96 -9.23 -14.60
N PRO C 56 5.61 -9.87 -15.72
CA PRO C 56 5.10 -9.13 -16.87
C PRO C 56 3.65 -8.70 -16.75
N ALA C 57 2.93 -9.19 -15.75
CA ALA C 57 1.57 -8.77 -15.45
C ALA C 57 1.42 -8.74 -13.93
N ASN C 58 0.34 -8.12 -13.46
CA ASN C 58 0.11 -8.11 -12.00
C ASN C 58 -0.14 -9.54 -11.55
N TYR C 59 0.34 -9.87 -10.35
CA TYR C 59 0.30 -11.25 -9.88
C TYR C 59 -0.38 -11.30 -8.53
N GLY C 60 -1.32 -12.23 -8.37
CA GLY C 60 -1.97 -12.40 -7.08
C GLY C 60 -2.81 -13.67 -7.02
N TYR C 61 -3.93 -13.63 -6.30
CA TYR C 61 -4.69 -14.86 -6.08
C TYR C 61 -6.17 -14.56 -5.91
N VAL C 62 -6.99 -15.60 -6.11
CA VAL C 62 -8.44 -15.49 -5.92
C VAL C 62 -8.74 -15.82 -4.46
N PRO C 63 -9.37 -14.92 -3.71
CA PRO C 63 -9.68 -15.24 -2.31
C PRO C 63 -10.72 -16.35 -2.23
N ASN C 64 -10.68 -17.09 -1.12
CA ASN C 64 -11.64 -18.16 -0.88
C ASN C 64 -11.58 -19.25 -1.95
N THR C 65 -10.36 -19.56 -2.37
CA THR C 65 -10.10 -20.70 -3.25
C THR C 65 -8.97 -21.52 -2.65
N LEU C 66 -8.80 -22.73 -3.18
CA LEU C 66 -7.79 -23.65 -2.69
C LEU C 66 -7.20 -24.40 -3.89
N SER C 67 -5.90 -24.25 -4.11
CA SER C 67 -5.18 -24.93 -5.17
C SER C 67 -4.48 -26.17 -4.62
N GLU C 68 -3.86 -26.94 -5.53
CA GLU C 68 -3.23 -28.20 -5.15
C GLU C 68 -2.05 -27.99 -4.22
N ASP C 69 -1.44 -26.81 -4.20
CA ASP C 69 -0.36 -26.58 -3.26
C ASP C 69 -0.86 -26.12 -1.89
N GLY C 70 -2.18 -26.10 -1.68
CA GLY C 70 -2.74 -25.74 -0.40
C GLY C 70 -3.03 -24.26 -0.22
N ASP C 71 -2.71 -23.43 -1.21
CA ASP C 71 -2.93 -21.99 -1.11
C ASP C 71 -3.96 -21.54 -2.14
N PRO C 72 -4.50 -20.32 -2.04
CA PRO C 72 -5.47 -19.86 -3.04
C PRO C 72 -4.88 -19.83 -4.44
N LEU C 73 -5.79 -19.85 -5.42
CA LEU C 73 -5.41 -20.03 -6.83
C LEU C 73 -4.65 -18.81 -7.34
N ASP C 74 -3.51 -19.07 -8.02
CA ASP C 74 -2.63 -18.02 -8.58
C ASP C 74 -3.17 -17.48 -9.89
N VAL C 75 -3.19 -16.14 -10.03
CA VAL C 75 -3.70 -15.49 -11.24
C VAL C 75 -2.84 -14.29 -11.60
N LEU C 76 -2.45 -14.19 -12.89
CA LEU C 76 -1.89 -12.97 -13.44
C LEU C 76 -3.00 -12.16 -14.10
N VAL C 77 -3.01 -10.85 -13.84
CA VAL C 77 -4.03 -9.97 -14.42
C VAL C 77 -3.34 -8.90 -15.27
N VAL C 78 -3.70 -8.84 -16.54
CA VAL C 78 -3.18 -7.83 -17.47
C VAL C 78 -3.99 -6.55 -17.27
N THR C 79 -3.31 -5.42 -17.09
CA THR C 79 -4.00 -4.16 -16.87
C THR C 79 -3.31 -3.05 -17.66
N PRO C 80 -4.02 -1.95 -17.96
CA PRO C 80 -3.36 -0.85 -18.67
C PRO C 80 -2.31 -0.14 -17.84
N TYR C 81 -2.43 -0.16 -16.52
CA TYR C 81 -1.46 0.40 -15.59
C TYR C 81 -1.27 -0.59 -14.45
N PRO C 82 -0.04 -0.76 -13.96
CA PRO C 82 0.16 -1.66 -12.80
C PRO C 82 -0.65 -1.16 -11.62
N VAL C 83 -1.23 -2.09 -10.87
CA VAL C 83 -2.06 -1.74 -9.73
C VAL C 83 -1.26 -1.90 -8.45
N ALA C 84 -1.74 -1.26 -7.39
CA ALA C 84 -1.03 -1.28 -6.11
C ALA C 84 -1.04 -2.67 -5.49
N ALA C 85 0.08 -3.03 -4.87
CA ALA C 85 0.13 -4.28 -4.11
C ALA C 85 -0.92 -4.25 -3.01
N GLY C 86 -1.65 -5.36 -2.86
CA GLY C 86 -2.73 -5.44 -1.91
C GLY C 86 -4.09 -5.03 -2.44
N SER C 87 -4.18 -4.45 -3.65
CA SER C 87 -5.47 -4.04 -4.18
C SER C 87 -6.17 -5.20 -4.88
N VAL C 88 -7.46 -5.02 -5.16
CA VAL C 88 -8.33 -6.11 -5.62
C VAL C 88 -8.91 -5.73 -6.97
N ILE C 89 -8.76 -6.62 -7.96
CA ILE C 89 -9.20 -6.37 -9.33
C ILE C 89 -10.31 -7.35 -9.70
N ARG C 90 -11.45 -6.82 -10.14
CA ARG C 90 -12.52 -7.61 -10.73
C ARG C 90 -12.14 -7.99 -12.16
N CYS C 91 -12.12 -9.30 -12.47
CA CYS C 91 -11.52 -9.70 -13.73
C CYS C 91 -12.17 -11.00 -14.21
N ARG C 92 -11.64 -11.51 -15.34
CA ARG C 92 -12.21 -12.62 -16.05
C ARG C 92 -11.08 -13.45 -16.63
N PRO C 93 -11.04 -14.76 -16.39
CA PRO C 93 -9.91 -15.58 -16.86
C PRO C 93 -9.99 -15.86 -18.35
N VAL C 94 -8.82 -15.90 -18.99
CA VAL C 94 -8.76 -16.19 -20.42
C VAL C 94 -7.77 -17.30 -20.77
N GLY C 95 -6.98 -17.80 -19.81
CA GLY C 95 -6.09 -18.90 -20.13
C GLY C 95 -5.43 -19.45 -18.89
N LYS C 96 -4.77 -20.60 -19.08
CA LYS C 96 -4.13 -21.32 -17.99
C LYS C 96 -2.76 -21.78 -18.45
N LEU C 97 -1.73 -21.46 -17.68
CA LEU C 97 -0.36 -21.90 -17.97
C LEU C 97 -0.03 -23.06 -17.04
N ASN C 98 0.08 -24.26 -17.62
CA ASN C 98 0.40 -25.45 -16.85
C ASN C 98 1.90 -25.53 -16.60
N MET C 99 2.28 -25.66 -15.33
CA MET C 99 3.67 -25.78 -14.94
C MET C 99 3.79 -26.71 -13.74
N GLU C 100 5.03 -27.15 -13.50
CA GLU C 100 5.42 -27.82 -12.27
C GLU C 100 6.67 -27.10 -11.77
N ASP C 101 6.73 -26.80 -10.48
CA ASP C 101 7.96 -26.20 -9.96
C ASP C 101 8.55 -27.12 -8.88
N ASP C 102 9.58 -26.60 -8.21
CA ASP C 102 10.30 -27.37 -7.20
C ASP C 102 9.40 -27.84 -6.07
N GLY C 103 8.21 -27.25 -5.91
CA GLY C 103 7.28 -27.68 -4.89
C GLY C 103 6.16 -28.59 -5.35
N GLY C 104 5.97 -28.75 -6.66
CA GLY C 104 4.88 -29.56 -7.17
C GLY C 104 4.13 -28.87 -8.28
N ILE C 105 2.91 -29.35 -8.56
CA ILE C 105 2.12 -28.79 -9.66
C ILE C 105 1.82 -27.33 -9.37
N ASP C 106 1.95 -26.49 -10.40
CA ASP C 106 1.92 -25.04 -10.21
C ASP C 106 1.31 -24.36 -11.42
N ALA C 107 0.05 -24.62 -11.70
CA ALA C 107 -0.60 -23.92 -12.78
C ALA C 107 -1.01 -22.52 -12.34
N LYS C 108 -1.00 -21.58 -13.27
CA LYS C 108 -1.40 -20.21 -13.00
C LYS C 108 -2.32 -19.73 -14.11
N LEU C 109 -3.32 -18.95 -13.75
CA LEU C 109 -4.23 -18.41 -14.75
C LEU C 109 -3.74 -17.06 -15.23
N ILE C 110 -4.22 -16.65 -16.40
CA ILE C 110 -4.09 -15.26 -16.84
C ILE C 110 -5.50 -14.71 -17.07
N ALA C 111 -5.71 -13.46 -16.66
CA ALA C 111 -7.03 -12.84 -16.67
C ALA C 111 -6.93 -11.40 -17.17
N VAL C 112 -8.08 -10.84 -17.53
CA VAL C 112 -8.18 -9.45 -17.97
C VAL C 112 -9.27 -8.77 -17.15
N PRO C 113 -9.21 -7.44 -17.03
CA PRO C 113 -10.21 -6.73 -16.22
C PRO C 113 -11.61 -6.92 -16.77
N HIS C 114 -12.57 -6.99 -15.84
CA HIS C 114 -13.98 -7.04 -16.14
C HIS C 114 -14.40 -5.79 -16.93
N GLU C 115 -15.44 -5.93 -17.76
CA GLU C 115 -15.89 -4.80 -18.59
C GLU C 115 -16.31 -3.59 -17.77
N LYS C 116 -16.71 -3.77 -16.50
CA LYS C 116 -17.05 -2.61 -15.67
C LYS C 116 -15.83 -1.77 -15.33
N LEU C 117 -14.64 -2.33 -15.40
CA LEU C 117 -13.42 -1.60 -15.09
C LEU C 117 -12.78 -0.94 -16.30
N SER C 118 -12.99 -1.50 -17.49
CA SER C 118 -12.33 -1.00 -18.69
C SER C 118 -12.99 -1.63 -19.92
N PRO C 119 -13.11 -0.88 -21.02
CA PRO C 119 -13.54 -1.48 -22.28
C PRO C 119 -12.40 -2.07 -23.10
N LEU C 120 -11.16 -1.93 -22.63
CA LEU C 120 -10.00 -2.27 -23.44
C LEU C 120 -9.91 -3.75 -23.78
N TYR C 121 -10.53 -4.63 -23.00
CA TYR C 121 -10.33 -6.07 -23.17
C TYR C 121 -11.60 -6.78 -23.62
N LYS C 122 -12.58 -6.02 -24.12
CA LYS C 122 -13.86 -6.60 -24.53
C LYS C 122 -13.70 -7.72 -25.56
N ASP C 123 -12.74 -7.59 -26.48
CA ASP C 123 -12.54 -8.58 -27.52
C ASP C 123 -11.52 -9.66 -27.13
N VAL C 124 -10.97 -9.61 -25.92
CA VAL C 124 -10.01 -10.59 -25.47
C VAL C 124 -10.81 -11.70 -24.79
N LYS C 125 -11.12 -12.76 -25.54
CA LYS C 125 -11.85 -13.90 -25.01
C LYS C 125 -10.95 -15.06 -24.62
N GLU C 126 -9.80 -15.18 -25.27
CA GLU C 126 -8.83 -16.24 -25.04
C GLU C 126 -7.46 -15.61 -24.82
N TYR C 127 -6.55 -16.35 -24.18
CA TYR C 127 -5.22 -15.79 -23.99
C TYR C 127 -4.53 -15.54 -25.33
N THR C 128 -4.93 -16.25 -26.39
CA THR C 128 -4.37 -16.00 -27.72
C THR C 128 -4.87 -14.70 -28.33
N ASP C 129 -5.81 -14.01 -27.68
CA ASP C 129 -6.22 -12.68 -28.12
C ASP C 129 -5.38 -11.58 -27.49
N LEU C 130 -4.58 -11.91 -26.48
CA LEU C 130 -3.56 -10.99 -25.99
C LEU C 130 -2.38 -10.97 -26.97
N PRO C 131 -1.52 -9.96 -26.89
CA PRO C 131 -0.34 -9.93 -27.77
C PRO C 131 0.51 -11.18 -27.60
N GLN C 132 0.90 -11.79 -28.73
CA GLN C 132 1.70 -13.01 -28.65
C GLN C 132 2.98 -12.78 -27.86
N LEU C 133 3.62 -11.63 -28.05
CA LEU C 133 4.85 -11.37 -27.29
C LEU C 133 4.59 -11.37 -25.79
N LEU C 134 3.44 -10.83 -25.35
CA LEU C 134 3.13 -10.84 -23.92
C LEU C 134 2.97 -12.27 -23.41
N ILE C 135 2.25 -13.11 -24.16
CA ILE C 135 2.11 -14.51 -23.75
C ILE C 135 3.49 -15.17 -23.67
N ASN C 136 4.36 -14.91 -24.65
CA ASN C 136 5.69 -15.47 -24.62
C ASN C 136 6.51 -14.91 -23.44
N GLN C 137 6.33 -13.63 -23.13
CA GLN C 137 7.04 -13.02 -22.00
C GLN C 137 6.65 -13.68 -20.69
N VAL C 138 5.36 -13.99 -20.53
CA VAL C 138 4.89 -14.63 -19.32
C VAL C 138 5.53 -16.00 -19.17
N GLU C 139 5.49 -16.80 -20.24
CA GLU C 139 6.07 -18.14 -20.18
C GLU C 139 7.58 -18.06 -19.93
N HIS C 140 8.26 -17.14 -20.62
CA HIS C 140 9.70 -16.99 -20.46
C HIS C 140 10.06 -16.55 -19.05
N PHE C 141 9.26 -15.66 -18.45
CA PHE C 141 9.51 -15.23 -17.08
C PHE C 141 9.48 -16.43 -16.13
N PHE C 142 8.41 -17.23 -16.19
CA PHE C 142 8.32 -18.34 -15.24
C PHE C 142 9.39 -19.38 -15.53
N SER C 143 9.77 -19.54 -16.80
CA SER C 143 10.83 -20.47 -17.15
C SER C 143 12.17 -20.09 -16.54
N HIS C 144 12.41 -18.80 -16.31
CA HIS C 144 13.75 -18.33 -15.98
C HIS C 144 13.90 -17.59 -14.65
N TYR C 145 12.81 -17.17 -14.00
CA TYR C 145 12.99 -16.25 -12.87
C TYR C 145 13.63 -16.93 -11.67
N LYS C 146 13.65 -18.26 -11.63
CA LYS C 146 14.30 -18.98 -10.54
C LYS C 146 15.71 -19.45 -10.91
N ASP C 147 16.27 -18.99 -12.03
CA ASP C 147 17.54 -19.52 -12.53
C ASP C 147 18.70 -19.26 -11.59
N LEU C 148 18.64 -18.23 -10.75
CA LEU C 148 19.76 -17.90 -9.89
C LEU C 148 19.47 -18.23 -8.42
N GLU C 149 18.45 -19.04 -8.17
CA GLU C 149 18.14 -19.44 -6.80
C GLU C 149 18.27 -20.96 -6.67
N PRO C 150 19.24 -21.44 -5.89
CA PRO C 150 19.45 -22.89 -5.81
C PRO C 150 18.25 -23.59 -5.19
N GLY C 151 17.93 -24.76 -5.75
CA GLY C 151 16.81 -25.53 -5.27
C GLY C 151 15.46 -25.11 -5.80
N ARG C 152 15.39 -24.02 -6.58
CA ARG C 152 14.15 -23.54 -7.16
C ARG C 152 14.22 -23.69 -8.68
N TRP C 153 13.14 -24.16 -9.28
CA TRP C 153 13.16 -24.39 -10.72
C TRP C 153 11.73 -24.54 -11.22
N VAL C 154 11.56 -24.45 -12.55
CA VAL C 154 10.25 -24.53 -13.19
C VAL C 154 10.31 -25.45 -14.41
N LYS C 155 9.28 -26.26 -14.58
CA LYS C 155 9.03 -26.99 -15.83
C LYS C 155 7.74 -26.46 -16.44
N ILE C 156 7.80 -26.08 -17.71
CA ILE C 156 6.61 -25.61 -18.43
C ILE C 156 5.96 -26.78 -19.14
N SER C 157 4.65 -26.93 -18.95
CA SER C 157 3.88 -27.90 -19.72
C SER C 157 3.20 -27.27 -20.93
N GLY C 158 2.56 -26.13 -20.76
CA GLY C 158 1.96 -25.44 -21.89
C GLY C 158 0.67 -24.74 -21.49
N TRP C 159 0.11 -24.03 -22.46
CA TRP C 159 -1.08 -23.21 -22.26
C TRP C 159 -2.36 -23.97 -22.60
N GLU C 160 -3.43 -23.65 -21.87
CA GLU C 160 -4.78 -24.04 -22.21
C GLU C 160 -5.67 -22.80 -22.21
N GLY C 161 -6.82 -22.92 -22.87
CA GLY C 161 -7.65 -21.77 -23.18
C GLY C 161 -8.61 -21.36 -22.08
N ALA C 162 -9.51 -20.47 -22.44
CA ALA C 162 -10.37 -19.83 -21.45
C ALA C 162 -11.35 -20.82 -20.83
N ASP C 163 -11.81 -21.83 -21.60
CA ASP C 163 -12.73 -22.78 -21.02
C ASP C 163 -12.08 -23.55 -19.88
N VAL C 164 -10.83 -23.98 -20.09
CA VAL C 164 -10.07 -24.67 -19.05
C VAL C 164 -9.75 -23.73 -17.89
N ALA C 165 -9.44 -22.48 -18.20
CA ALA C 165 -9.13 -21.53 -17.14
C ALA C 165 -10.34 -21.28 -16.25
N LYS C 166 -11.51 -21.12 -16.85
CA LYS C 166 -12.73 -20.95 -16.06
C LYS C 166 -13.01 -22.20 -15.23
N ALA C 167 -12.77 -23.38 -15.80
CA ALA C 167 -12.88 -24.62 -15.03
C ALA C 167 -11.98 -24.61 -13.81
N GLU C 168 -10.74 -24.12 -13.96
CA GLU C 168 -9.80 -24.12 -12.84
C GLU C 168 -10.31 -23.26 -11.69
N VAL C 169 -10.97 -22.14 -12.00
CA VAL C 169 -11.56 -21.31 -10.97
C VAL C 169 -12.60 -22.10 -10.19
N ILE C 170 -13.48 -22.79 -10.91
CA ILE C 170 -14.53 -23.57 -10.27
C ILE C 170 -13.92 -24.67 -9.40
N LYS C 171 -12.92 -25.38 -9.94
CA LYS C 171 -12.24 -26.41 -9.16
C LYS C 171 -11.72 -25.86 -7.84
N ALA C 172 -11.06 -24.70 -7.89
CA ALA C 172 -10.44 -24.15 -6.69
C ALA C 172 -11.46 -23.57 -5.72
N ILE C 173 -12.58 -23.03 -6.25
CA ILE C 173 -13.67 -22.59 -5.39
C ILE C 173 -14.27 -23.78 -4.66
N GLU C 174 -14.57 -24.85 -5.39
CA GLU C 174 -15.17 -26.03 -4.79
C GLU C 174 -14.21 -26.69 -3.79
N ALA C 175 -12.91 -26.67 -4.09
CA ALA C 175 -11.93 -27.28 -3.19
C ALA C 175 -11.91 -26.59 -1.83
N ALA C 176 -12.16 -25.28 -1.79
CA ALA C 176 -12.13 -24.53 -0.54
C ALA C 176 -13.42 -24.66 0.26
N LYS C 177 -14.49 -25.18 -0.32
CA LYS C 177 -15.76 -25.27 0.39
C LYS C 177 -16.12 -26.72 0.70
P1 DPO D . 10.21 8.16 15.51
O1 DPO D . 9.60 7.91 16.86
O2 DPO D . 9.80 7.03 14.55
O3 DPO D . 11.71 8.27 15.55
O4 DPO D . 9.53 9.48 14.88
P2 DPO D . 10.02 11.02 15.01
O5 DPO D . 10.81 11.21 16.29
O6 DPO D . 8.72 11.78 15.01
O7 DPO D . 10.84 11.39 13.81
MG MG E . 12.66 9.80 17.09
MG MG F . 9.40 5.11 17.59
MG MG G . 7.41 5.38 14.52
P1 DPO H . -17.11 9.16 -6.64
O1 DPO H . -18.37 8.69 -5.98
O2 DPO H . -15.96 9.01 -5.68
O3 DPO H . -17.24 10.57 -7.17
O4 DPO H . -16.75 8.15 -7.85
P2 DPO H . -17.24 8.26 -9.40
O5 DPO H . -17.35 6.82 -9.87
O6 DPO H . -16.15 8.97 -10.15
O7 DPO H . -18.55 9.00 -9.50
MG MG I . -19.12 11.11 -8.47
MG MG J . -19.11 9.59 -3.63
MG MG K . -16.04 7.67 -3.38
P1 DPO L . 4.46 -18.98 -6.29
O1 DPO L . 3.83 -20.04 -5.42
O2 DPO L . 3.60 -17.75 -6.26
O3 DPO L . 4.65 -19.48 -7.71
O4 DPO L . 5.86 -18.55 -5.63
P2 DPO L . 7.32 -19.16 -5.94
O5 DPO L . 7.21 -20.63 -6.36
O6 DPO L . 8.10 -19.03 -4.65
O7 DPO L . 7.96 -18.31 -7.01
MG MG M . 5.78 -21.56 -8.07
MG MG N . 1.27 -20.95 -5.63
MG MG O . 1.54 -17.50 -4.58
#